data_8RBV
#
_entry.id   8RBV
#
_cell.length_a   59.821
_cell.length_b   78.177
_cell.length_c   110.911
_cell.angle_alpha   90.00
_cell.angle_beta   90.00
_cell.angle_gamma   90.00
#
_symmetry.space_group_name_H-M   'P 21 21 21'
#
loop_
_entity.id
_entity.type
_entity.pdbx_description
1 polymer 'HLA class I antigen'
2 polymer Beta-2-microglobulin
3 polymer 'SARS-CoV-2 Spike-derived peptide S976-984 S982A mutant'
4 non-polymer 'ACETATE ION'
5 non-polymer 1,2-ETHANEDIOL
6 non-polymer 'CADMIUM ION'
7 non-polymer DI(HYDROXYETHYL)ETHER
8 water water
#
loop_
_entity_poly.entity_id
_entity_poly.type
_entity_poly.pdbx_seq_one_letter_code
_entity_poly.pdbx_strand_id
1 'polypeptide(L)'
;MAVMAPRTLVLLLSGALALTQTWAGSHSMRYFFTSVSRPGRGEPRFIAVGYVDDTQFVRFDSDAASQRMEPRAPWIEQEG
PEYWDGETRKVKAHSQTHRVDLGTLRGYYNQSEAGSHTVQRMYGCDVGSDWRFLRGYHQYAYDGKDYIALKEDLRSWTAA
DMAAQTTKHKWEAAHVAEQLRAYLEGTCVEWLRRYLENGKETLQRTDAPKTHMTHHAVSDHEATLRCWALSFYPAEITLT
WQRDGEDQTQDTELVETRPAGDGTFQKWAAVVVPSGQEQRYTCHVQHEGLPKPLTLRWEPSSQPTIPIVGIIAGLVLFGA
VITGAVVAAVMWRRKSSDRKGGSYSQAASSDSAQGSDVSLTACKV
;
A
2 'polypeptide(L)'
;MIQRTPKIQVYSRHPAENGKSNFLNCYVSGFHPSDIEVDLLKNGERIEKVEHSDLSFSKDWSFYLLYYTEFTPTEKDEYA
CRVNHVTLSQPKIVKWDRDM
;
B
3 'polypeptide(L)' VLNDILARL C
#
# COMPACT_ATOMS: atom_id res chain seq x y z
N ALA A 24 -9.29 -14.67 13.61
CA ALA A 24 -9.75 -13.37 14.10
C ALA A 24 -8.59 -12.47 14.44
N GLY A 25 -8.31 -12.30 15.74
CA GLY A 25 -7.40 -11.23 16.09
C GLY A 25 -8.14 -9.92 15.88
N SER A 26 -7.38 -8.83 15.87
CA SER A 26 -7.95 -7.52 15.54
C SER A 26 -7.95 -7.33 14.02
N HIS A 27 -8.87 -6.50 13.55
CA HIS A 27 -9.13 -6.40 12.11
C HIS A 27 -9.52 -4.96 11.75
N SER A 28 -9.49 -4.67 10.46
CA SER A 28 -9.82 -3.33 10.01
C SER A 28 -10.46 -3.39 8.64
N MET A 29 -11.28 -2.38 8.35
CA MET A 29 -11.78 -2.14 6.99
C MET A 29 -11.43 -0.71 6.61
N ARG A 30 -10.83 -0.53 5.43
CA ARG A 30 -10.36 0.79 5.04
C ARG A 30 -10.64 1.03 3.57
N TYR A 31 -11.05 2.25 3.25
CA TYR A 31 -11.22 2.66 1.86
C TYR A 31 -10.27 3.79 1.54
N PHE A 32 -9.64 3.72 0.37
CA PHE A 32 -8.67 4.70 -0.12
C PHE A 32 -9.19 5.30 -1.42
N PHE A 33 -9.06 6.62 -1.57
CA PHE A 33 -9.56 7.36 -2.73
C PHE A 33 -8.50 8.35 -3.17
N THR A 34 -8.22 8.39 -4.47
CA THR A 34 -7.34 9.39 -5.07
C THR A 34 -8.03 10.00 -6.27
N SER A 35 -8.02 11.34 -6.35
CA SER A 35 -8.49 12.05 -7.53
CA SER A 35 -8.51 12.06 -7.52
C SER A 35 -7.40 13.00 -7.99
N VAL A 36 -7.11 12.97 -9.30
CA VAL A 36 -6.03 13.78 -9.88
C VAL A 36 -6.62 14.62 -11.01
N SER A 37 -6.55 15.94 -10.89
CA SER A 37 -7.18 16.78 -11.91
C SER A 37 -6.35 16.74 -13.20
N ARG A 38 -7.05 16.90 -14.32
CA ARG A 38 -6.43 16.83 -15.65
C ARG A 38 -6.83 18.09 -16.41
N PRO A 39 -6.11 19.19 -16.16
CA PRO A 39 -6.57 20.50 -16.66
C PRO A 39 -6.63 20.62 -18.18
N GLY A 40 -5.88 19.80 -18.91
CA GLY A 40 -5.89 19.91 -20.36
C GLY A 40 -7.20 19.45 -20.97
N ARG A 41 -7.86 18.47 -20.36
CA ARG A 41 -9.11 17.94 -20.89
C ARG A 41 -9.76 16.95 -19.94
N GLY A 42 -11.04 17.16 -19.64
CA GLY A 42 -11.84 16.12 -19.00
C GLY A 42 -11.88 16.22 -17.50
N GLU A 43 -12.46 15.16 -16.89
CA GLU A 43 -12.69 15.01 -15.46
C GLU A 43 -11.46 14.45 -14.77
N PRO A 44 -11.37 14.57 -13.45
CA PRO A 44 -10.20 14.02 -12.76
C PRO A 44 -10.12 12.51 -12.92
N ARG A 45 -8.89 12.00 -12.91
CA ARG A 45 -8.69 10.55 -12.77
C ARG A 45 -9.03 10.16 -11.34
N PHE A 46 -9.86 9.14 -11.17
CA PHE A 46 -10.35 8.76 -9.84
C PHE A 46 -10.14 7.27 -9.63
N ILE A 47 -9.44 6.92 -8.54
CA ILE A 47 -9.18 5.52 -8.21
C ILE A 47 -9.54 5.28 -6.75
N ALA A 48 -10.36 4.27 -6.51
CA ALA A 48 -10.82 3.89 -5.18
C ALA A 48 -10.52 2.42 -4.94
N VAL A 49 -10.03 2.10 -3.75
N VAL A 49 -10.07 2.09 -3.73
CA VAL A 49 -9.77 0.71 -3.39
CA VAL A 49 -9.75 0.70 -3.41
C VAL A 49 -10.29 0.46 -1.99
C VAL A 49 -10.17 0.42 -1.98
N GLY A 50 -10.79 -0.73 -1.77
CA GLY A 50 -11.25 -1.16 -0.45
C GLY A 50 -10.43 -2.33 0.04
N TYR A 51 -10.12 -2.31 1.34
CA TYR A 51 -9.30 -3.34 1.98
C TYR A 51 -10.01 -3.87 3.22
N VAL A 52 -9.93 -5.18 3.41
CA VAL A 52 -10.12 -5.77 4.73
C VAL A 52 -8.74 -6.22 5.19
N ASP A 53 -8.29 -5.69 6.33
CA ASP A 53 -6.91 -5.86 6.76
C ASP A 53 -5.99 -5.49 5.60
N ASP A 54 -5.14 -6.41 5.14
CA ASP A 54 -4.25 -6.12 4.01
C ASP A 54 -4.72 -6.76 2.71
N THR A 55 -6.01 -7.08 2.60
CA THR A 55 -6.56 -7.73 1.42
C THR A 55 -7.40 -6.73 0.65
N GLN A 56 -7.01 -6.44 -0.59
CA GLN A 56 -7.87 -5.64 -1.45
C GLN A 56 -9.09 -6.46 -1.85
N PHE A 57 -10.29 -5.90 -1.68
CA PHE A 57 -11.49 -6.65 -2.04
C PHE A 57 -12.41 -5.94 -3.03
N VAL A 58 -12.31 -4.62 -3.20
CA VAL A 58 -13.07 -3.92 -4.25
C VAL A 58 -12.19 -2.84 -4.86
N ARG A 59 -12.54 -2.44 -6.08
CA ARG A 59 -11.86 -1.31 -6.70
C ARG A 59 -12.80 -0.61 -7.68
N PHE A 60 -12.51 0.67 -7.90
CA PHE A 60 -13.14 1.46 -8.95
C PHE A 60 -12.07 2.32 -9.61
N ASP A 61 -12.04 2.32 -10.93
CA ASP A 61 -11.10 3.17 -11.67
C ASP A 61 -11.91 3.91 -12.72
N SER A 62 -11.85 5.24 -12.71
CA SER A 62 -12.62 6.03 -13.67
C SER A 62 -12.21 5.75 -15.11
N ASP A 63 -10.98 5.30 -15.34
CA ASP A 63 -10.54 4.97 -16.69
C ASP A 63 -10.89 3.56 -17.13
N ALA A 64 -11.46 2.74 -16.24
CA ALA A 64 -11.77 1.36 -16.63
C ALA A 64 -13.08 1.30 -17.41
N ALA A 65 -13.32 0.18 -18.09
CA ALA A 65 -14.46 0.11 -18.99
C ALA A 65 -15.79 -0.09 -18.26
N SER A 66 -15.79 -0.82 -17.15
CA SER A 66 -17.06 -1.22 -16.56
C SER A 66 -17.82 -0.04 -15.95
N GLN A 67 -17.12 0.97 -15.40
CA GLN A 67 -17.76 2.04 -14.63
C GLN A 67 -18.58 1.48 -13.47
N ARG A 68 -18.11 0.38 -12.90
CA ARG A 68 -18.74 -0.25 -11.75
C ARG A 68 -17.70 -0.48 -10.67
N MET A 69 -18.15 -0.49 -9.43
CA MET A 69 -17.33 -1.11 -8.39
C MET A 69 -17.13 -2.57 -8.75
N GLU A 70 -15.87 -3.02 -8.70
CA GLU A 70 -15.51 -4.36 -9.16
C GLU A 70 -14.95 -5.19 -8.02
N PRO A 71 -15.29 -6.48 -7.96
CA PRO A 71 -14.73 -7.35 -6.93
C PRO A 71 -13.27 -7.69 -7.21
N ARG A 72 -12.51 -7.89 -6.13
CA ARG A 72 -11.11 -8.28 -6.20
C ARG A 72 -10.76 -9.42 -5.25
N ALA A 73 -11.74 -9.98 -4.56
CA ALA A 73 -11.56 -11.15 -3.71
C ALA A 73 -12.71 -12.09 -3.97
N PRO A 74 -12.48 -13.40 -3.87
CA PRO A 74 -13.58 -14.35 -4.14
C PRO A 74 -14.75 -14.23 -3.17
N TRP A 75 -14.51 -13.89 -1.90
CA TRP A 75 -15.59 -13.89 -0.93
C TRP A 75 -16.55 -12.72 -1.06
N ILE A 76 -16.19 -11.67 -1.81
CA ILE A 76 -17.13 -10.56 -2.00
C ILE A 76 -18.02 -10.80 -3.22
N GLU A 77 -17.62 -11.67 -4.13
CA GLU A 77 -18.41 -11.92 -5.34
C GLU A 77 -19.75 -12.55 -5.05
N GLN A 78 -19.95 -13.12 -3.86
CA GLN A 78 -21.25 -13.71 -3.52
C GLN A 78 -22.30 -12.65 -3.16
N GLU A 79 -21.90 -11.39 -2.98
CA GLU A 79 -22.88 -10.34 -2.72
C GLU A 79 -23.75 -10.09 -3.96
N GLY A 80 -25.03 -9.80 -3.72
CA GLY A 80 -26.00 -9.74 -4.79
C GLY A 80 -25.96 -8.44 -5.56
N PRO A 81 -26.85 -8.34 -6.56
CA PRO A 81 -26.85 -7.15 -7.42
C PRO A 81 -27.18 -5.86 -6.67
N GLU A 82 -28.02 -5.91 -5.64
CA GLU A 82 -28.29 -4.70 -4.87
C GLU A 82 -27.01 -4.18 -4.23
N TYR A 83 -26.14 -5.09 -3.78
CA TYR A 83 -24.85 -4.67 -3.22
C TYR A 83 -24.03 -3.92 -4.25
N TRP A 84 -23.85 -4.51 -5.44
CA TRP A 84 -22.98 -3.90 -6.43
C TRP A 84 -23.57 -2.62 -7.01
N ASP A 85 -24.90 -2.57 -7.20
CA ASP A 85 -25.53 -1.31 -7.63
C ASP A 85 -25.31 -0.22 -6.59
N GLY A 86 -25.46 -0.55 -5.32
CA GLY A 86 -25.31 0.45 -4.27
C GLY A 86 -23.88 0.94 -4.14
N GLU A 87 -22.91 0.03 -4.14
CA GLU A 87 -21.51 0.45 -4.03
C GLU A 87 -21.11 1.26 -5.25
N THR A 88 -21.63 0.89 -6.42
CA THR A 88 -21.31 1.66 -7.61
C THR A 88 -21.85 3.08 -7.50
N ARG A 89 -23.11 3.23 -7.06
CA ARG A 89 -23.67 4.56 -6.90
C ARG A 89 -22.84 5.38 -5.92
N LYS A 90 -22.48 4.80 -4.78
CA LYS A 90 -21.77 5.56 -3.76
C LYS A 90 -20.36 5.94 -4.22
N VAL A 91 -19.65 5.02 -4.88
CA VAL A 91 -18.28 5.35 -5.28
C VAL A 91 -18.29 6.40 -6.37
N LYS A 92 -19.30 6.40 -7.24
CA LYS A 92 -19.38 7.47 -8.24
C LYS A 92 -19.71 8.81 -7.57
N ALA A 93 -20.56 8.79 -6.54
CA ALA A 93 -20.81 9.98 -5.75
C ALA A 93 -19.54 10.49 -5.06
N HIS A 94 -18.71 9.57 -4.54
CA HIS A 94 -17.42 9.97 -3.98
C HIS A 94 -16.59 10.70 -5.04
N SER A 95 -16.55 10.16 -6.25
CA SER A 95 -15.72 10.77 -7.29
C SER A 95 -16.21 12.18 -7.59
N GLN A 96 -17.53 12.40 -7.59
CA GLN A 96 -18.01 13.74 -7.89
C GLN A 96 -17.72 14.70 -6.75
N THR A 97 -17.78 14.21 -5.51
CA THR A 97 -17.37 15.07 -4.39
C THR A 97 -15.92 15.52 -4.53
N HIS A 98 -15.03 14.59 -4.87
CA HIS A 98 -13.63 14.94 -5.08
C HIS A 98 -13.48 15.92 -6.24
N ARG A 99 -14.22 15.72 -7.33
CA ARG A 99 -14.18 16.67 -8.43
C ARG A 99 -14.55 18.08 -7.96
N VAL A 100 -15.64 18.20 -7.21
CA VAL A 100 -16.03 19.52 -6.68
C VAL A 100 -14.94 20.06 -5.75
N ASP A 101 -14.40 19.20 -4.87
CA ASP A 101 -13.37 19.63 -3.94
C ASP A 101 -12.14 20.18 -4.66
N LEU A 102 -11.72 19.52 -5.74
CA LEU A 102 -10.55 20.01 -6.47
C LEU A 102 -10.77 21.43 -6.96
N GLY A 103 -11.98 21.72 -7.43
CA GLY A 103 -12.29 23.09 -7.85
C GLY A 103 -12.33 24.06 -6.69
N THR A 104 -12.92 23.64 -5.55
CA THR A 104 -12.97 24.52 -4.38
C THR A 104 -11.58 24.86 -3.87
N LEU A 105 -10.72 23.84 -3.76
CA LEU A 105 -9.37 24.03 -3.22
C LEU A 105 -8.51 24.91 -4.10
N ARG A 106 -8.72 24.82 -5.42
CA ARG A 106 -8.02 25.73 -6.33
C ARG A 106 -8.33 27.18 -5.98
N GLY A 107 -9.59 27.46 -5.66
CA GLY A 107 -9.95 28.81 -5.23
C GLY A 107 -9.44 29.16 -3.85
N TYR A 108 -9.56 28.23 -2.88
CA TYR A 108 -9.06 28.50 -1.54
C TYR A 108 -7.59 28.88 -1.55
N TYR A 109 -6.79 28.21 -2.39
CA TYR A 109 -5.35 28.45 -2.48
C TYR A 109 -4.95 29.37 -3.62
N ASN A 110 -5.92 29.92 -4.35
CA ASN A 110 -5.65 30.86 -5.44
C ASN A 110 -4.62 30.29 -6.42
N GLN A 111 -4.90 29.10 -6.91
CA GLN A 111 -4.04 28.45 -7.88
C GLN A 111 -4.68 28.56 -9.26
N SER A 112 -3.83 28.53 -10.29
CA SER A 112 -4.34 28.63 -11.65
C SER A 112 -5.08 27.36 -12.04
N GLU A 113 -5.90 27.48 -13.08
CA GLU A 113 -6.58 26.33 -13.64
C GLU A 113 -5.67 25.45 -14.48
N ALA A 114 -4.40 25.85 -14.68
CA ALA A 114 -3.51 25.13 -15.58
C ALA A 114 -2.79 23.95 -14.93
N GLY A 115 -2.63 23.93 -13.59
CA GLY A 115 -1.86 22.88 -12.97
C GLY A 115 -2.70 21.66 -12.58
N SER A 116 -2.06 20.51 -12.48
CA SER A 116 -2.71 19.31 -11.97
C SER A 116 -2.55 19.24 -10.46
N HIS A 117 -3.62 18.86 -9.76
CA HIS A 117 -3.59 18.77 -8.30
C HIS A 117 -4.24 17.47 -7.86
N THR A 118 -4.01 17.10 -6.60
CA THR A 118 -4.43 15.80 -6.10
C THR A 118 -5.21 15.95 -4.82
N VAL A 119 -6.29 15.18 -4.68
CA VAL A 119 -6.93 15.00 -3.38
C VAL A 119 -6.91 13.52 -3.04
N GLN A 120 -6.67 13.22 -1.75
CA GLN A 120 -6.63 11.86 -1.25
C GLN A 120 -7.47 11.76 0.01
N ARG A 121 -8.17 10.64 0.15
CA ARG A 121 -9.06 10.41 1.27
C ARG A 121 -8.92 8.98 1.74
N MET A 122 -8.92 8.78 3.05
CA MET A 122 -8.91 7.42 3.59
C MET A 122 -9.82 7.41 4.80
N TYR A 123 -10.67 6.40 4.90
CA TYR A 123 -11.45 6.24 6.13
C TYR A 123 -11.67 4.77 6.40
N GLY A 124 -12.00 4.46 7.65
CA GLY A 124 -12.20 3.07 8.02
C GLY A 124 -12.34 2.90 9.52
N CYS A 125 -12.48 1.63 9.91
CA CYS A 125 -12.71 1.28 11.30
C CYS A 125 -11.81 0.11 11.67
N ASP A 126 -11.42 0.06 12.95
CA ASP A 126 -10.72 -1.10 13.51
C ASP A 126 -11.62 -1.78 14.55
N VAL A 127 -11.54 -3.10 14.63
CA VAL A 127 -12.16 -3.86 15.70
C VAL A 127 -11.09 -4.67 16.40
N GLY A 128 -11.33 -4.98 17.67
CA GLY A 128 -10.42 -5.78 18.46
C GLY A 128 -10.67 -7.27 18.29
N SER A 129 -10.02 -8.06 19.16
CA SER A 129 -10.13 -9.51 19.11
C SER A 129 -11.56 -9.98 19.28
N ASP A 130 -12.35 -9.25 20.07
CA ASP A 130 -13.76 -9.56 20.28
C ASP A 130 -14.64 -9.04 19.15
N TRP A 131 -14.03 -8.53 18.06
CA TRP A 131 -14.72 -7.99 16.89
C TRP A 131 -15.64 -6.81 17.26
N ARG A 132 -15.34 -6.10 18.35
CA ARG A 132 -16.08 -4.90 18.69
C ARG A 132 -15.27 -3.66 18.29
N PHE A 133 -15.99 -2.56 18.06
CA PHE A 133 -15.38 -1.31 17.60
C PHE A 133 -14.25 -0.88 18.53
N LEU A 134 -13.10 -0.58 17.93
CA LEU A 134 -11.93 -0.09 18.63
C LEU A 134 -11.62 1.37 18.32
N ARG A 135 -11.57 1.73 17.04
CA ARG A 135 -11.37 3.13 16.66
CA ARG A 135 -11.34 3.12 16.65
C ARG A 135 -11.83 3.32 15.23
N GLY A 136 -11.98 4.59 14.85
CA GLY A 136 -12.34 4.94 13.49
C GLY A 136 -11.51 6.13 13.04
N TYR A 137 -11.44 6.32 11.72
CA TYR A 137 -10.64 7.42 11.20
C TYR A 137 -11.20 7.86 9.86
N HIS A 138 -10.89 9.09 9.51
CA HIS A 138 -11.33 9.70 8.26
C HIS A 138 -10.41 10.89 8.03
N GLN A 139 -9.56 10.81 7.01
CA GLN A 139 -8.45 11.73 6.78
C GLN A 139 -8.45 12.19 5.33
N TYR A 140 -8.12 13.45 5.10
CA TYR A 140 -8.17 14.06 3.78
C TYR A 140 -6.88 14.83 3.56
N ALA A 141 -6.32 14.73 2.36
CA ALA A 141 -5.09 15.44 2.01
C ALA A 141 -5.26 16.16 0.67
N TYR A 142 -4.58 17.30 0.55
CA TYR A 142 -4.51 18.04 -0.71
C TYR A 142 -3.06 18.20 -1.11
N ASP A 143 -2.75 17.85 -2.36
CA ASP A 143 -1.39 17.87 -2.90
C ASP A 143 -0.38 17.19 -1.98
N GLY A 144 -0.79 16.05 -1.41
CA GLY A 144 0.13 15.26 -0.63
C GLY A 144 0.37 15.71 0.79
N LYS A 145 -0.41 16.66 1.29
CA LYS A 145 -0.26 17.18 2.65
C LYS A 145 -1.58 17.09 3.41
N ASP A 146 -1.49 16.84 4.73
CA ASP A 146 -2.69 16.84 5.57
C ASP A 146 -3.53 18.07 5.27
N TYR A 147 -4.83 17.86 5.11
CA TYR A 147 -5.77 18.97 4.98
C TYR A 147 -6.72 18.99 6.18
N ILE A 148 -7.62 18.02 6.29
CA ILE A 148 -8.51 17.94 7.44
C ILE A 148 -8.67 16.48 7.84
N ALA A 149 -8.77 16.23 9.15
CA ALA A 149 -8.92 14.87 9.63
C ALA A 149 -9.88 14.84 10.82
N LEU A 150 -10.63 13.76 10.91
CA LEU A 150 -11.47 13.55 12.09
C LEU A 150 -10.59 13.17 13.26
N LYS A 151 -10.85 13.76 14.42
CA LYS A 151 -10.06 13.41 15.60
C LYS A 151 -10.51 12.05 16.13
N GLU A 152 -9.71 11.50 17.07
CA GLU A 152 -9.97 10.16 17.59
C GLU A 152 -11.32 10.06 18.29
N ASP A 153 -11.85 11.18 18.80
CA ASP A 153 -13.15 11.14 19.48
C ASP A 153 -14.32 10.98 18.51
N LEU A 154 -14.07 11.08 17.20
CA LEU A 154 -15.10 11.05 16.15
C LEU A 154 -16.11 12.19 16.31
N ARG A 155 -15.67 13.30 16.92
CA ARG A 155 -16.55 14.45 17.14
C ARG A 155 -15.96 15.74 16.60
N SER A 156 -14.64 15.85 16.60
CA SER A 156 -13.95 17.09 16.30
C SER A 156 -13.05 16.92 15.07
N TRP A 157 -12.55 18.04 14.56
CA TRP A 157 -11.77 18.07 13.34
C TRP A 157 -10.40 18.69 13.58
N THR A 158 -9.38 18.11 12.97
CA THR A 158 -8.05 18.71 12.91
C THR A 158 -7.89 19.36 11.54
N ALA A 159 -7.74 20.68 11.51
CA ALA A 159 -7.49 21.43 10.28
C ALA A 159 -6.01 21.83 10.23
N ALA A 160 -5.34 21.52 9.11
CA ALA A 160 -3.89 21.73 9.06
C ALA A 160 -3.51 23.18 8.78
N ASP A 161 -4.38 23.93 8.11
CA ASP A 161 -4.09 25.31 7.73
C ASP A 161 -5.40 26.09 7.69
N MET A 162 -5.33 27.35 7.26
CA MET A 162 -6.51 28.21 7.34
C MET A 162 -7.57 27.86 6.29
N ALA A 163 -7.15 27.37 5.12
CA ALA A 163 -8.13 26.83 4.18
C ALA A 163 -8.94 25.72 4.85
N ALA A 164 -8.26 24.76 5.46
CA ALA A 164 -8.97 23.67 6.14
C ALA A 164 -9.79 24.19 7.32
N GLN A 165 -9.33 25.27 7.98
CA GLN A 165 -10.12 25.84 9.05
C GLN A 165 -11.49 26.32 8.54
N THR A 166 -11.52 26.87 7.32
CA THR A 166 -12.79 27.23 6.68
C THR A 166 -13.69 26.00 6.51
N THR A 167 -13.14 24.90 5.99
CA THR A 167 -13.90 23.66 5.86
C THR A 167 -14.39 23.17 7.22
N LYS A 168 -13.53 23.25 8.24
CA LYS A 168 -13.92 22.79 9.56
C LYS A 168 -15.15 23.54 10.07
N HIS A 169 -15.17 24.87 9.88
CA HIS A 169 -16.33 25.65 10.32
C HIS A 169 -17.58 25.25 9.56
N LYS A 170 -17.44 24.97 8.27
CA LYS A 170 -18.59 24.48 7.50
C LYS A 170 -19.08 23.14 8.04
N TRP A 171 -18.16 22.22 8.32
CA TRP A 171 -18.58 20.87 8.69
C TRP A 171 -19.10 20.80 10.11
N GLU A 172 -18.62 21.66 11.01
CA GLU A 172 -19.17 21.71 12.36
C GLU A 172 -20.59 22.25 12.37
N ALA A 173 -20.93 23.13 11.42
CA ALA A 173 -22.30 23.62 11.33
C ALA A 173 -23.24 22.62 10.66
N ALA A 174 -22.73 21.62 9.94
CA ALA A 174 -23.56 20.74 9.14
C ALA A 174 -23.58 19.29 9.64
N HIS A 175 -23.20 19.03 10.89
CA HIS A 175 -23.37 17.71 11.53
C HIS A 175 -22.56 16.62 10.84
N VAL A 176 -21.48 16.98 10.14
CA VAL A 176 -20.75 16.00 9.33
C VAL A 176 -20.10 14.93 10.20
N ALA A 177 -19.45 15.34 11.29
CA ALA A 177 -18.79 14.35 12.15
C ALA A 177 -19.79 13.37 12.75
N GLU A 178 -21.03 13.81 13.03
CA GLU A 178 -22.03 12.90 13.57
C GLU A 178 -22.34 11.78 12.60
N GLN A 179 -22.55 12.12 11.34
CA GLN A 179 -22.83 11.12 10.32
C GLN A 179 -21.66 10.16 10.17
N LEU A 180 -20.43 10.69 10.16
CA LEU A 180 -19.27 9.81 10.03
C LEU A 180 -19.12 8.90 11.24
N ARG A 181 -19.33 9.43 12.45
CA ARG A 181 -19.24 8.60 13.64
C ARG A 181 -20.25 7.46 13.60
N ALA A 182 -21.47 7.76 13.16
CA ALA A 182 -22.48 6.70 13.07
C ALA A 182 -22.07 5.62 12.09
N TYR A 183 -21.50 6.03 10.94
CA TYR A 183 -21.02 5.02 9.98
C TYR A 183 -19.86 4.22 10.55
N LEU A 184 -18.86 4.91 11.12
CA LEU A 184 -17.63 4.25 11.55
C LEU A 184 -17.89 3.27 12.69
N GLU A 185 -18.80 3.62 13.60
CA GLU A 185 -19.12 2.77 14.74
C GLU A 185 -20.20 1.74 14.44
N GLY A 186 -21.01 1.97 13.41
CA GLY A 186 -22.11 1.08 13.12
C GLY A 186 -21.93 0.30 11.84
N THR A 187 -22.29 0.92 10.71
CA THR A 187 -22.27 0.27 9.41
C THR A 187 -20.90 -0.35 9.10
N CYS A 188 -19.83 0.40 9.35
CA CYS A 188 -18.48 -0.06 9.00
C CYS A 188 -18.14 -1.34 9.77
N VAL A 189 -18.40 -1.34 11.08
CA VAL A 189 -18.07 -2.50 11.90
C VAL A 189 -18.97 -3.68 11.57
N GLU A 190 -20.25 -3.42 11.28
CA GLU A 190 -21.17 -4.52 11.02
C GLU A 190 -20.83 -5.21 9.70
N TRP A 191 -20.50 -4.45 8.66
CA TRP A 191 -20.11 -5.08 7.41
C TRP A 191 -18.73 -5.71 7.49
N LEU A 192 -17.83 -5.12 8.28
CA LEU A 192 -16.53 -5.79 8.49
C LEU A 192 -16.73 -7.19 9.05
N ARG A 193 -17.59 -7.31 10.07
CA ARG A 193 -17.84 -8.64 10.66
C ARG A 193 -18.44 -9.59 9.63
N ARG A 194 -19.33 -9.09 8.78
CA ARG A 194 -19.89 -9.92 7.72
C ARG A 194 -18.81 -10.40 6.74
N TYR A 195 -17.92 -9.50 6.33
CA TYR A 195 -16.85 -9.90 5.42
C TYR A 195 -15.93 -10.92 6.07
N LEU A 196 -15.57 -10.70 7.34
CA LEU A 196 -14.69 -11.64 8.02
C LEU A 196 -15.30 -13.04 8.06
N GLU A 197 -16.61 -13.14 8.23
CA GLU A 197 -17.28 -14.44 8.20
C GLU A 197 -17.26 -15.05 6.81
N ASN A 198 -17.74 -14.30 5.82
CA ASN A 198 -17.82 -14.85 4.47
C ASN A 198 -16.45 -15.18 3.89
N GLY A 199 -15.44 -14.39 4.24
CA GLY A 199 -14.11 -14.65 3.72
C GLY A 199 -13.20 -15.37 4.71
N LYS A 200 -13.78 -16.07 5.69
CA LYS A 200 -12.98 -16.62 6.79
C LYS A 200 -11.84 -17.49 6.31
N GLU A 201 -12.02 -18.21 5.20
CA GLU A 201 -10.99 -19.13 4.71
C GLU A 201 -9.65 -18.43 4.51
N THR A 202 -9.67 -17.18 4.05
CA THR A 202 -8.44 -16.42 3.90
C THR A 202 -8.31 -15.27 4.90
N LEU A 203 -9.40 -14.55 5.19
CA LEU A 203 -9.29 -13.36 6.03
C LEU A 203 -8.93 -13.70 7.48
N GLN A 204 -9.34 -14.86 7.98
CA GLN A 204 -9.03 -15.24 9.35
C GLN A 204 -7.85 -16.21 9.43
N ARG A 205 -7.16 -16.43 8.32
CA ARG A 205 -5.97 -17.26 8.30
C ARG A 205 -4.74 -16.37 8.34
N THR A 206 -3.78 -16.70 9.18
CA THR A 206 -2.50 -16.03 9.20
C THR A 206 -1.49 -16.88 8.46
N ASP A 207 -0.67 -16.26 7.63
CA ASP A 207 0.39 -16.94 6.89
C ASP A 207 1.68 -16.51 7.56
N ALA A 208 2.25 -17.41 8.36
CA ALA A 208 3.52 -17.10 9.02
C ALA A 208 4.63 -16.97 7.98
N PRO A 209 5.62 -16.12 8.24
CA PRO A 209 6.69 -15.96 7.24
C PRO A 209 7.49 -17.24 7.04
N LYS A 210 7.72 -17.57 5.77
CA LYS A 210 8.66 -18.61 5.39
CA LYS A 210 8.67 -18.61 5.36
C LYS A 210 10.06 -17.98 5.40
N THR A 211 10.91 -18.43 6.30
CA THR A 211 12.18 -17.75 6.51
C THR A 211 13.37 -18.59 6.09
N HIS A 212 14.41 -17.91 5.62
CA HIS A 212 15.67 -18.59 5.36
C HIS A 212 16.74 -17.52 5.28
N MET A 213 17.99 -17.95 5.35
CA MET A 213 19.13 -17.04 5.33
C MET A 213 20.03 -17.35 4.14
N THR A 214 20.47 -16.31 3.43
CA THR A 214 21.41 -16.45 2.34
C THR A 214 22.72 -15.74 2.69
N HIS A 215 23.78 -16.09 1.95
CA HIS A 215 25.14 -15.67 2.25
C HIS A 215 25.77 -15.18 0.94
N HIS A 216 26.32 -13.98 0.94
CA HIS A 216 26.85 -13.37 -0.26
C HIS A 216 28.19 -12.73 0.08
N ALA A 217 29.30 -13.35 -0.32
CA ALA A 217 30.60 -12.75 -0.08
C ALA A 217 30.66 -11.34 -0.67
N VAL A 218 31.28 -10.41 0.06
CA VAL A 218 31.54 -9.07 -0.47
C VAL A 218 33.02 -8.81 -0.65
N SER A 219 33.87 -9.76 -0.29
CA SER A 219 35.32 -9.73 -0.45
C SER A 219 35.78 -11.14 -0.07
N ASP A 220 37.09 -11.34 -0.06
CA ASP A 220 37.61 -12.63 0.39
C ASP A 220 37.50 -12.84 1.90
N HIS A 221 37.09 -11.83 2.67
CA HIS A 221 37.05 -11.98 4.12
C HIS A 221 35.86 -11.30 4.80
N GLU A 222 34.89 -10.77 4.05
CA GLU A 222 33.63 -10.29 4.61
C GLU A 222 32.48 -10.79 3.75
N ALA A 223 31.30 -10.90 4.35
CA ALA A 223 30.15 -11.41 3.62
C ALA A 223 28.87 -10.76 4.13
N THR A 224 27.87 -10.65 3.25
CA THR A 224 26.54 -10.24 3.64
C THR A 224 25.72 -11.46 4.04
N LEU A 225 25.09 -11.40 5.21
CA LEU A 225 24.05 -12.36 5.59
C LEU A 225 22.71 -11.70 5.39
N ARG A 226 21.81 -12.35 4.68
CA ARG A 226 20.51 -11.76 4.37
C ARG A 226 19.43 -12.70 4.89
N CYS A 227 18.57 -12.17 5.75
CA CYS A 227 17.52 -12.94 6.40
C CYS A 227 16.21 -12.62 5.70
N TRP A 228 15.57 -13.63 5.13
CA TRP A 228 14.39 -13.46 4.29
C TRP A 228 13.13 -13.88 5.03
N ALA A 229 12.06 -13.10 4.85
CA ALA A 229 10.72 -13.48 5.28
C ALA A 229 9.85 -13.42 4.04
N LEU A 230 9.28 -14.56 3.65
CA LEU A 230 8.54 -14.64 2.40
C LEU A 230 7.12 -15.13 2.63
N SER A 231 6.23 -14.67 1.75
CA SER A 231 4.89 -15.25 1.65
CA SER A 231 4.88 -15.23 1.63
C SER A 231 4.09 -15.10 2.93
N PHE A 232 4.24 -13.98 3.63
CA PHE A 232 3.51 -13.84 4.87
C PHE A 232 2.30 -12.91 4.73
N TYR A 233 1.40 -13.02 5.71
CA TYR A 233 0.16 -12.26 5.79
C TYR A 233 -0.35 -12.34 7.22
N PRO A 234 -0.72 -11.21 7.83
CA PRO A 234 -0.74 -9.86 7.27
C PRO A 234 0.65 -9.24 7.09
N ALA A 235 0.73 -7.99 6.64
CA ALA A 235 2.00 -7.40 6.24
C ALA A 235 2.88 -6.98 7.42
N GLU A 236 2.28 -6.72 8.58
CA GLU A 236 3.06 -6.28 9.74
C GLU A 236 4.06 -7.34 10.16
N ILE A 237 5.33 -6.96 10.30
CA ILE A 237 6.38 -7.90 10.65
C ILE A 237 7.54 -7.12 11.25
N THR A 238 8.35 -7.78 12.07
CA THR A 238 9.60 -7.20 12.56
C THR A 238 10.74 -8.17 12.33
N LEU A 239 11.80 -7.69 11.66
CA LEU A 239 13.05 -8.43 11.47
C LEU A 239 14.17 -7.66 12.15
N THR A 240 14.91 -8.32 13.04
CA THR A 240 15.97 -7.67 13.80
CA THR A 240 16.00 -7.65 13.76
C THR A 240 17.20 -8.57 13.81
N TRP A 241 18.38 -7.97 13.68
CA TRP A 241 19.64 -8.70 13.79
C TRP A 241 20.19 -8.53 15.19
N GLN A 242 20.78 -9.59 15.71
CA GLN A 242 21.51 -9.53 16.97
C GLN A 242 22.91 -10.09 16.76
N ARG A 243 23.87 -9.53 17.51
N ARG A 243 23.86 -9.54 17.50
CA ARG A 243 25.22 -10.06 17.54
CA ARG A 243 25.21 -10.08 17.53
C ARG A 243 25.55 -10.40 18.98
C ARG A 243 25.54 -10.40 18.98
N ASP A 244 25.87 -11.66 19.23
CA ASP A 244 26.17 -12.16 20.57
C ASP A 244 25.07 -11.73 21.55
N GLY A 245 23.81 -11.87 21.11
CA GLY A 245 22.66 -11.64 21.94
C GLY A 245 22.28 -10.19 22.18
N GLU A 246 22.89 -9.24 21.48
CA GLU A 246 22.56 -7.84 21.61
C GLU A 246 22.18 -7.26 20.25
N ASP A 247 21.25 -6.31 20.26
CA ASP A 247 20.75 -5.74 19.02
C ASP A 247 21.87 -5.09 18.22
N GLN A 248 21.80 -5.26 16.90
CA GLN A 248 22.82 -4.79 15.98
C GLN A 248 22.15 -3.95 14.90
N THR A 249 22.49 -2.65 14.85
CA THR A 249 22.07 -1.79 13.75
C THR A 249 23.24 -1.38 12.86
N GLN A 250 24.46 -1.39 13.39
CA GLN A 250 25.64 -1.09 12.59
C GLN A 250 25.74 -2.05 11.40
N ASP A 251 25.93 -1.49 10.21
CA ASP A 251 26.15 -2.26 8.98
C ASP A 251 24.97 -3.16 8.64
N THR A 252 23.75 -2.75 9.03
CA THR A 252 22.55 -3.49 8.66
C THR A 252 21.76 -2.72 7.61
N GLU A 253 20.94 -3.47 6.88
CA GLU A 253 20.05 -2.90 5.86
C GLU A 253 18.71 -3.62 5.95
N LEU A 254 17.63 -2.84 5.99
CA LEU A 254 16.28 -3.40 6.07
C LEU A 254 15.47 -2.78 4.95
N VAL A 255 14.91 -3.60 4.05
CA VAL A 255 14.11 -3.03 2.98
C VAL A 255 12.67 -2.87 3.45
N GLU A 256 11.96 -1.97 2.78
CA GLU A 256 10.54 -1.79 3.03
C GLU A 256 9.79 -3.08 2.70
N THR A 257 8.82 -3.43 3.53
CA THR A 257 7.96 -4.57 3.23
C THR A 257 7.32 -4.38 1.86
N ARG A 258 7.28 -5.44 1.06
CA ARG A 258 6.83 -5.27 -0.31
C ARG A 258 5.85 -6.36 -0.68
N PRO A 259 4.94 -6.09 -1.63
CA PRO A 259 3.97 -7.12 -2.02
C PRO A 259 4.59 -8.17 -2.91
N ALA A 260 4.22 -9.42 -2.68
CA ALA A 260 4.66 -10.48 -3.59
C ALA A 260 3.90 -10.49 -4.90
N GLY A 261 2.69 -9.93 -4.92
CA GLY A 261 1.85 -9.95 -6.10
C GLY A 261 0.76 -11.00 -6.05
N ASP A 262 0.79 -11.89 -5.05
CA ASP A 262 -0.23 -12.93 -4.88
C ASP A 262 -1.03 -12.74 -3.59
N GLY A 263 -0.96 -11.54 -2.99
CA GLY A 263 -1.67 -11.23 -1.76
C GLY A 263 -0.84 -11.37 -0.50
N THR A 264 0.35 -11.98 -0.58
CA THR A 264 1.26 -12.06 0.55
C THR A 264 2.37 -11.01 0.41
N PHE A 265 3.24 -10.95 1.42
CA PHE A 265 4.26 -9.92 1.49
C PHE A 265 5.64 -10.54 1.67
N GLN A 266 6.66 -9.71 1.44
CA GLN A 266 8.06 -10.12 1.55
C GLN A 266 8.84 -9.04 2.28
N LYS A 267 9.91 -9.45 2.97
CA LYS A 267 10.85 -8.49 3.54
C LYS A 267 12.20 -9.19 3.76
N TRP A 268 13.27 -8.41 3.75
CA TRP A 268 14.54 -8.98 4.21
C TRP A 268 15.35 -7.95 4.99
N ALA A 269 16.25 -8.46 5.81
CA ALA A 269 17.21 -7.66 6.55
C ALA A 269 18.59 -8.28 6.37
N ALA A 270 19.62 -7.44 6.28
CA ALA A 270 20.96 -7.94 5.96
C ALA A 270 21.99 -7.28 6.87
N VAL A 271 23.08 -7.98 7.10
CA VAL A 271 24.18 -7.45 7.90
C VAL A 271 25.48 -7.90 7.23
N VAL A 272 26.50 -7.03 7.23
CA VAL A 272 27.80 -7.40 6.72
C VAL A 272 28.66 -7.88 7.89
N VAL A 273 29.30 -9.04 7.74
CA VAL A 273 30.02 -9.67 8.85
C VAL A 273 31.40 -10.11 8.39
N PRO A 274 32.39 -10.19 9.29
CA PRO A 274 33.67 -10.80 8.90
C PRO A 274 33.48 -12.28 8.64
N SER A 275 34.05 -12.75 7.52
CA SER A 275 33.93 -14.16 7.17
C SER A 275 34.50 -15.06 8.25
N GLY A 276 33.78 -16.13 8.56
CA GLY A 276 34.10 -16.98 9.68
C GLY A 276 33.43 -16.62 10.99
N GLN A 277 32.85 -15.43 11.11
CA GLN A 277 32.17 -15.03 12.34
C GLN A 277 30.65 -15.09 12.23
N GLU A 278 30.12 -15.83 11.24
CA GLU A 278 28.68 -15.79 10.99
C GLU A 278 27.87 -16.32 12.17
N GLN A 279 28.42 -17.23 12.97
CA GLN A 279 27.62 -17.83 14.03
C GLN A 279 27.28 -16.86 15.16
N ARG A 280 27.99 -15.74 15.27
CA ARG A 280 27.65 -14.73 16.27
C ARG A 280 26.33 -14.03 15.97
N TYR A 281 25.85 -14.09 14.73
CA TYR A 281 24.75 -13.26 14.26
C TYR A 281 23.48 -14.08 14.17
N THR A 282 22.38 -13.53 14.69
CA THR A 282 21.08 -14.18 14.65
C THR A 282 20.05 -13.20 14.14
N CYS A 283 19.15 -13.70 13.30
CA CYS A 283 18.05 -12.89 12.80
C CYS A 283 16.78 -13.30 13.54
N HIS A 284 16.00 -12.32 13.96
CA HIS A 284 14.83 -12.57 14.79
C HIS A 284 13.58 -12.07 14.10
N VAL A 285 12.56 -12.92 14.02
CA VAL A 285 11.38 -12.64 13.22
C VAL A 285 10.16 -12.67 14.12
N GLN A 286 9.41 -11.57 14.14
CA GLN A 286 8.18 -11.45 14.91
C GLN A 286 7.02 -11.24 13.94
N HIS A 287 5.96 -12.03 14.10
CA HIS A 287 4.81 -11.94 13.20
C HIS A 287 3.61 -12.54 13.92
N GLU A 288 2.43 -11.98 13.63
CA GLU A 288 1.18 -12.48 14.22
C GLU A 288 0.99 -13.97 14.00
N GLY A 289 1.45 -14.50 12.86
CA GLY A 289 1.30 -15.92 12.59
C GLY A 289 2.27 -16.82 13.32
N LEU A 290 3.12 -16.26 14.16
CA LEU A 290 4.15 -17.02 14.87
C LEU A 290 3.84 -17.01 16.36
N PRO A 291 3.49 -18.16 16.95
CA PRO A 291 3.25 -18.17 18.40
C PRO A 291 4.45 -17.71 19.22
N LYS A 292 5.65 -18.12 18.84
CA LYS A 292 6.88 -17.62 19.41
C LYS A 292 7.78 -17.10 18.29
N PRO A 293 8.51 -16.00 18.51
CA PRO A 293 9.38 -15.48 17.45
C PRO A 293 10.39 -16.52 17.01
N LEU A 294 10.76 -16.44 15.74
CA LEU A 294 11.76 -17.32 15.17
C LEU A 294 13.15 -16.71 15.31
N THR A 295 14.14 -17.57 15.47
CA THR A 295 15.55 -17.18 15.47
C THR A 295 16.27 -17.96 14.38
N LEU A 296 16.98 -17.25 13.51
CA LEU A 296 17.70 -17.88 12.40
C LEU A 296 19.18 -17.58 12.52
N ARG A 297 20.00 -18.58 12.20
CA ARG A 297 21.44 -18.49 12.23
C ARG A 297 21.99 -19.16 10.97
N TRP A 298 23.03 -18.57 10.38
CA TRP A 298 23.64 -19.15 9.18
C TRP A 298 24.28 -20.50 9.51
N GLU A 299 24.14 -21.45 8.59
CA GLU A 299 24.55 -22.86 8.73
C GLU A 299 25.59 -23.16 9.81
N MET B 1 2.08 21.62 -2.83
CA MET B 1 2.72 21.30 -4.10
C MET B 1 4.01 20.52 -3.86
N ILE B 2 3.88 19.39 -3.18
CA ILE B 2 5.02 18.66 -2.63
C ILE B 2 5.49 17.61 -3.63
N GLN B 3 6.81 17.40 -3.69
CA GLN B 3 7.42 16.46 -4.62
C GLN B 3 8.30 15.50 -3.82
N ARG B 4 8.05 14.19 -3.97
CA ARG B 4 8.80 13.16 -3.29
C ARG B 4 9.25 12.12 -4.30
N THR B 5 10.53 11.75 -4.24
N THR B 5 10.53 11.73 -4.23
CA THR B 5 11.08 10.88 -5.25
CA THR B 5 11.24 10.85 -5.16
C THR B 5 10.77 9.42 -4.95
C THR B 5 10.84 9.39 -4.92
N PRO B 6 10.55 8.61 -5.97
CA PRO B 6 10.19 7.21 -5.76
C PRO B 6 11.33 6.37 -5.20
N LYS B 7 10.98 5.45 -4.29
CA LYS B 7 11.82 4.32 -3.95
C LYS B 7 11.50 3.19 -4.92
N ILE B 8 12.50 2.37 -5.24
CA ILE B 8 12.34 1.33 -6.25
C ILE B 8 12.90 0.04 -5.70
N GLN B 9 12.12 -1.05 -5.80
CA GLN B 9 12.63 -2.40 -5.56
C GLN B 9 12.24 -3.25 -6.77
N VAL B 10 13.21 -4.02 -7.27
CA VAL B 10 12.99 -4.94 -8.38
C VAL B 10 13.27 -6.33 -7.87
N TYR B 11 12.35 -7.26 -8.08
CA TYR B 11 12.45 -8.56 -7.42
C TYR B 11 11.49 -9.54 -8.07
N SER B 12 11.66 -10.82 -7.74
CA SER B 12 10.79 -11.85 -8.29
C SER B 12 9.77 -12.26 -7.23
N ARG B 13 8.61 -12.74 -7.70
CA ARG B 13 7.58 -13.15 -6.76
C ARG B 13 8.02 -14.37 -5.97
N HIS B 14 8.70 -15.30 -6.63
CA HIS B 14 9.22 -16.53 -6.04
C HIS B 14 10.73 -16.57 -6.14
N PRO B 15 11.40 -17.34 -5.28
CA PRO B 15 12.84 -17.50 -5.38
C PRO B 15 13.23 -17.93 -6.78
N ALA B 16 14.23 -17.27 -7.35
CA ALA B 16 14.52 -17.40 -8.76
C ALA B 16 15.33 -18.65 -9.05
N GLU B 17 14.93 -19.39 -10.08
CA GLU B 17 15.72 -20.50 -10.60
C GLU B 17 15.79 -20.37 -12.12
N ASN B 18 16.99 -20.46 -12.68
CA ASN B 18 17.11 -20.31 -14.13
C ASN B 18 16.30 -21.38 -14.83
N GLY B 19 15.55 -20.96 -15.84
CA GLY B 19 14.72 -21.87 -16.61
C GLY B 19 13.35 -22.14 -16.03
N LYS B 20 13.03 -21.54 -14.89
CA LYS B 20 11.76 -21.79 -14.22
C LYS B 20 10.91 -20.53 -14.22
N SER B 21 9.72 -20.62 -14.81
CA SER B 21 8.80 -19.49 -14.95
C SER B 21 8.51 -18.84 -13.60
N ASN B 22 8.32 -17.52 -13.63
CA ASN B 22 8.30 -16.70 -12.41
C ASN B 22 7.60 -15.38 -12.75
N PHE B 23 7.65 -14.42 -11.83
CA PHE B 23 7.03 -13.12 -12.03
C PHE B 23 8.01 -12.04 -11.63
N LEU B 24 8.22 -11.07 -12.52
CA LEU B 24 9.15 -9.98 -12.28
C LEU B 24 8.35 -8.78 -11.76
N ASN B 25 8.72 -8.26 -10.59
CA ASN B 25 8.03 -7.17 -9.91
C ASN B 25 8.89 -5.91 -9.91
N CYS B 26 8.24 -4.77 -10.12
CA CYS B 26 8.86 -3.47 -9.81
C CYS B 26 7.92 -2.74 -8.87
N TYR B 27 8.33 -2.61 -7.61
CA TYR B 27 7.55 -1.93 -6.59
C TYR B 27 8.09 -0.52 -6.43
N VAL B 28 7.27 0.48 -6.78
CA VAL B 28 7.63 1.89 -6.66
C VAL B 28 6.78 2.48 -5.54
N SER B 29 7.42 3.22 -4.63
CA SER B 29 6.71 3.71 -3.46
C SER B 29 7.31 5.04 -3.02
N GLY B 30 6.65 5.67 -2.07
CA GLY B 30 7.18 6.91 -1.51
C GLY B 30 7.13 8.13 -2.40
N PHE B 31 6.41 8.11 -3.52
CA PHE B 31 6.46 9.22 -4.45
C PHE B 31 5.18 10.07 -4.42
N HIS B 32 5.33 11.30 -4.90
CA HIS B 32 4.25 12.27 -5.05
C HIS B 32 4.74 13.30 -6.05
N PRO B 33 3.92 13.72 -7.02
CA PRO B 33 2.54 13.32 -7.32
C PRO B 33 2.47 11.92 -7.94
N SER B 34 1.27 11.47 -8.28
CA SER B 34 1.04 10.08 -8.65
C SER B 34 1.47 9.73 -10.08
N ASP B 35 1.64 10.71 -10.95
CA ASP B 35 1.99 10.41 -12.33
C ASP B 35 3.41 9.87 -12.39
N ILE B 36 3.58 8.70 -13.01
CA ILE B 36 4.87 8.03 -13.01
C ILE B 36 4.90 7.10 -14.22
N GLU B 37 6.09 6.92 -14.78
CA GLU B 37 6.29 6.03 -15.92
C GLU B 37 7.16 4.87 -15.46
N VAL B 38 6.64 3.65 -15.55
CA VAL B 38 7.36 2.46 -15.12
C VAL B 38 7.37 1.46 -16.27
N ASP B 39 8.56 1.00 -16.64
CA ASP B 39 8.72 -0.03 -17.65
C ASP B 39 9.59 -1.15 -17.09
N LEU B 40 9.27 -2.38 -17.47
CA LEU B 40 10.14 -3.51 -17.18
C LEU B 40 10.94 -3.80 -18.45
N LEU B 41 12.25 -4.01 -18.29
CA LEU B 41 13.17 -4.15 -19.41
C LEU B 41 13.76 -5.56 -19.46
N LYS B 42 13.88 -6.09 -20.67
CA LYS B 42 14.59 -7.34 -20.89
C LYS B 42 15.71 -7.03 -21.87
N ASN B 43 16.95 -7.11 -21.39
CA ASN B 43 18.13 -6.78 -22.19
C ASN B 43 18.02 -5.38 -22.79
N GLY B 44 17.55 -4.44 -21.96
CA GLY B 44 17.44 -3.05 -22.35
C GLY B 44 16.18 -2.68 -23.12
N GLU B 45 15.35 -3.64 -23.50
CA GLU B 45 14.17 -3.40 -24.31
C GLU B 45 12.91 -3.51 -23.47
N ARG B 46 11.94 -2.66 -23.76
CA ARG B 46 10.71 -2.60 -23.00
C ARG B 46 9.87 -3.86 -23.18
N ILE B 47 9.46 -4.47 -22.06
CA ILE B 47 8.56 -5.63 -22.07
C ILE B 47 7.13 -5.13 -22.26
N GLU B 48 6.36 -5.85 -23.09
CA GLU B 48 5.08 -5.36 -23.58
C GLU B 48 3.90 -5.65 -22.66
N LYS B 49 3.79 -6.86 -22.13
CA LYS B 49 2.58 -7.27 -21.42
C LYS B 49 2.73 -7.07 -19.91
N VAL B 50 2.88 -5.82 -19.49
CA VAL B 50 3.11 -5.49 -18.09
C VAL B 50 1.81 -4.97 -17.49
N GLU B 51 1.45 -5.48 -16.31
CA GLU B 51 0.27 -5.07 -15.58
C GLU B 51 0.69 -4.31 -14.33
N HIS B 52 -0.26 -3.61 -13.72
CA HIS B 52 0.05 -2.89 -12.49
C HIS B 52 -1.14 -2.92 -11.53
N SER B 53 -0.83 -2.70 -10.26
CA SER B 53 -1.82 -2.68 -9.20
C SER B 53 -2.64 -1.38 -9.26
N ASP B 54 -3.71 -1.36 -8.46
CA ASP B 54 -4.49 -0.14 -8.32
C ASP B 54 -3.79 0.83 -7.36
N LEU B 55 -3.62 2.06 -7.82
CA LEU B 55 -2.94 3.09 -7.03
C LEU B 55 -3.49 3.18 -5.60
N SER B 56 -2.59 3.14 -4.62
CA SER B 56 -2.96 3.37 -3.23
C SER B 56 -1.84 4.19 -2.58
N PHE B 57 -1.93 4.43 -1.27
CA PHE B 57 -0.96 5.31 -0.64
C PHE B 57 -0.74 4.95 0.83
N SER B 58 0.34 5.51 1.39
CA SER B 58 0.81 5.19 2.72
C SER B 58 0.44 6.29 3.71
N LYS B 59 0.96 6.19 4.93
CA LYS B 59 0.56 7.07 6.02
C LYS B 59 0.97 8.52 5.77
N ASP B 60 2.07 8.74 5.06
CA ASP B 60 2.49 10.09 4.74
C ASP B 60 1.88 10.60 3.44
N TRP B 61 0.85 9.92 2.93
CA TRP B 61 0.15 10.19 1.67
C TRP B 61 0.98 9.88 0.42
N SER B 62 2.19 9.34 0.57
CA SER B 62 2.96 9.00 -0.63
C SER B 62 2.40 7.75 -1.31
N PHE B 63 2.48 7.73 -2.63
CA PHE B 63 1.84 6.69 -3.42
C PHE B 63 2.68 5.42 -3.55
N TYR B 64 2.02 4.30 -3.85
CA TYR B 64 2.77 3.11 -4.27
C TYR B 64 2.01 2.34 -5.34
N LEU B 65 2.80 1.67 -6.19
CA LEU B 65 2.31 0.85 -7.29
C LEU B 65 3.22 -0.36 -7.45
N LEU B 66 2.63 -1.49 -7.83
CA LEU B 66 3.38 -2.68 -8.19
C LEU B 66 3.17 -2.93 -9.68
N TYR B 67 4.25 -2.94 -10.46
CA TYR B 67 4.20 -3.37 -11.86
C TYR B 67 4.76 -4.79 -11.96
N TYR B 68 4.16 -5.63 -12.80
CA TYR B 68 4.60 -7.01 -12.81
C TYR B 68 4.33 -7.67 -14.15
N THR B 69 5.14 -8.67 -14.46
CA THR B 69 4.99 -9.46 -15.68
C THR B 69 5.56 -10.85 -15.46
N GLU B 70 5.06 -11.82 -16.24
CA GLU B 70 5.65 -13.15 -16.23
C GLU B 70 7.02 -13.12 -16.87
N PHE B 71 7.98 -13.86 -16.31
CA PHE B 71 9.29 -14.00 -16.94
C PHE B 71 9.93 -15.30 -16.51
N THR B 72 10.96 -15.68 -17.24
CA THR B 72 11.77 -16.85 -16.88
CA THR B 72 11.78 -16.85 -16.90
C THR B 72 13.22 -16.42 -16.72
N PRO B 73 13.77 -16.46 -15.51
CA PRO B 73 15.18 -16.10 -15.33
C PRO B 73 16.09 -17.02 -16.15
N THR B 74 17.18 -16.46 -16.66
CA THR B 74 18.20 -17.22 -17.36
C THR B 74 19.57 -16.69 -16.95
N GLU B 75 20.62 -17.42 -17.35
CA GLU B 75 21.98 -16.99 -17.02
C GLU B 75 22.38 -15.75 -17.80
N LYS B 76 21.84 -15.54 -19.00
CA LYS B 76 22.35 -14.49 -19.86
C LYS B 76 21.43 -13.29 -20.01
N ASP B 77 20.13 -13.43 -19.74
CA ASP B 77 19.22 -12.31 -19.89
C ASP B 77 19.34 -11.37 -18.70
N GLU B 78 19.34 -10.08 -18.98
CA GLU B 78 19.37 -9.05 -17.95
C GLU B 78 18.01 -8.38 -17.87
N TYR B 79 17.43 -8.36 -16.67
CA TYR B 79 16.15 -7.71 -16.45
C TYR B 79 16.33 -6.47 -15.57
N ALA B 80 15.41 -5.53 -15.72
CA ALA B 80 15.52 -4.25 -15.03
C ALA B 80 14.17 -3.54 -15.02
N CYS B 81 14.07 -2.54 -14.16
CA CYS B 81 12.93 -1.63 -14.09
C CYS B 81 13.44 -0.23 -14.40
N ARG B 82 12.70 0.51 -15.23
CA ARG B 82 13.09 1.87 -15.61
C ARG B 82 11.98 2.82 -15.17
N VAL B 83 12.32 3.79 -14.34
CA VAL B 83 11.33 4.66 -13.71
C VAL B 83 11.64 6.10 -14.08
N ASN B 84 10.60 6.84 -14.47
CA ASN B 84 10.73 8.29 -14.65
C ASN B 84 9.60 8.98 -13.92
N HIS B 85 9.92 10.14 -13.36
CA HIS B 85 9.03 10.88 -12.46
C HIS B 85 9.48 12.32 -12.46
N VAL B 86 8.55 13.24 -12.19
CA VAL B 86 8.90 14.66 -12.28
C VAL B 86 10.08 14.99 -11.38
N THR B 87 10.26 14.21 -10.30
CA THR B 87 11.36 14.43 -9.38
C THR B 87 12.71 13.93 -9.89
N LEU B 88 12.76 13.26 -11.04
CA LEU B 88 13.98 12.65 -11.54
C LEU B 88 14.46 13.39 -12.78
N SER B 89 15.76 13.73 -12.81
CA SER B 89 16.33 14.42 -13.97
C SER B 89 16.25 13.54 -15.21
N GLN B 90 16.72 12.31 -15.10
CA GLN B 90 16.70 11.31 -16.16
C GLN B 90 16.04 10.05 -15.61
N PRO B 91 15.61 9.15 -16.49
CA PRO B 91 15.04 7.89 -16.00
C PRO B 91 16.07 7.10 -15.19
N LYS B 92 15.58 6.49 -14.12
CA LYS B 92 16.39 5.65 -13.25
C LYS B 92 16.19 4.20 -13.65
N ILE B 93 17.28 3.47 -13.83
CA ILE B 93 17.22 2.06 -14.19
C ILE B 93 17.79 1.25 -13.05
N VAL B 94 17.00 0.32 -12.52
CA VAL B 94 17.44 -0.56 -11.45
C VAL B 94 17.45 -1.98 -12.01
N LYS B 95 18.63 -2.60 -12.01
CA LYS B 95 18.75 -3.97 -12.51
C LYS B 95 18.17 -4.94 -11.50
N TRP B 96 17.53 -5.99 -12.01
CA TRP B 96 17.11 -7.10 -11.15
C TRP B 96 18.34 -7.91 -10.73
N ASP B 97 18.45 -8.11 -9.43
CA ASP B 97 19.44 -8.97 -8.81
C ASP B 97 18.67 -9.99 -7.98
N ARG B 98 18.79 -11.26 -8.33
CA ARG B 98 17.98 -12.30 -7.68
C ARG B 98 18.29 -12.46 -6.20
N ASP B 99 19.37 -11.85 -5.72
CA ASP B 99 19.70 -11.91 -4.30
C ASP B 99 19.00 -10.84 -3.47
N MET B 100 18.16 -10.00 -4.07
CA MET B 100 17.60 -8.86 -3.33
C MET B 100 16.08 -8.66 -3.51
N VAL C 1 -18.82 -1.95 3.10
CA VAL C 1 -19.48 -0.96 2.26
C VAL C 1 -18.98 0.47 2.52
N LEU C 2 -19.07 1.29 1.47
CA LEU C 2 -18.77 2.71 1.53
C LEU C 2 -19.79 3.46 2.37
N ASN C 3 -19.40 4.61 2.91
CA ASN C 3 -20.41 5.44 3.56
CA ASN C 3 -20.41 5.44 3.56
C ASN C 3 -21.20 6.20 2.49
N ASP C 4 -22.30 6.82 2.90
CA ASP C 4 -23.21 7.48 1.98
C ASP C 4 -23.36 8.97 2.31
N ILE C 5 -22.25 9.63 2.66
CA ILE C 5 -22.27 11.00 3.15
C ILE C 5 -21.49 11.89 2.18
N LEU C 6 -20.17 11.93 2.38
CA LEU C 6 -19.22 12.81 1.69
C LEU C 6 -19.77 14.22 1.46
N ALA C 7 -19.83 15.01 2.53
CA ALA C 7 -20.07 16.44 2.41
C ALA C 7 -18.89 17.09 1.68
N ARG C 8 -19.18 18.21 1.02
CA ARG C 8 -18.18 18.95 0.28
C ARG C 8 -17.36 19.85 1.22
N LEU C 9 -16.13 20.15 0.81
CA LEU C 9 -15.29 20.96 1.68
C LEU C 9 -15.44 22.46 1.39
#